data_4BG2
#
_entry.id   4BG2
#
_cell.length_a   47.080
_cell.length_b   135.800
_cell.length_c   48.738
_cell.angle_alpha   90.00
_cell.angle_beta   118.54
_cell.angle_gamma   90.00
#
_symmetry.space_group_name_H-M   'P 1 21 1'
#
loop_
_entity.id
_entity.type
_entity.pdbx_description
1 polymer PATF
2 water water
#
_entity_poly.entity_id   1
_entity_poly.type   'polypeptide(L)'
_entity_poly.pdbx_seq_one_letter_code
;DLIDRLQNNQRKDRRLQFVRTHQEAFDVKPTFPLPLFEEAILEIEGSCSVESSCQVEGDRLQGGRYEVCNNQGTTWPESL
THAFKLLDKIDSQLGVRINRDSFDRFAAAHVNSRKIINNTIGVHLGSKLEDSSV(MSE)LYIHIKPEEDTEELARTALVL
DGGRYSDELTRVLLRDT(MSE)VIGFELFFDGRSRVDLGPCAPGKSGTLK(MSE)KGKHLEQYTQKNLSRKVNSIFREGY
LFGAFFSKTRVEPILFFYHSIIKDLPKYFTFNSLGDKIYNFCQSQGCITDVAIAVTETELEKSRLENFCFYYDQWDECKP
SSDYDTERHLHRS
;
_entity_poly.pdbx_strand_id   A,B
#
# COMPACT_ATOMS: atom_id res chain seq x y z
N LEU A 2 -14.28 -35.66 35.74
CA LEU A 2 -15.54 -34.88 35.88
C LEU A 2 -15.20 -33.40 36.08
N ILE A 3 -14.23 -33.13 36.96
CA ILE A 3 -13.84 -31.75 37.27
C ILE A 3 -13.22 -31.08 36.05
N ASP A 4 -12.50 -31.84 35.24
CA ASP A 4 -11.92 -31.32 34.01
C ASP A 4 -13.07 -30.94 33.04
N ARG A 5 -14.05 -31.82 32.93
CA ARG A 5 -15.19 -31.55 32.07
C ARG A 5 -15.94 -30.29 32.51
N LEU A 6 -16.16 -30.14 33.81
CA LEU A 6 -16.88 -28.98 34.33
C LEU A 6 -16.06 -27.72 34.10
N GLN A 7 -14.76 -27.77 34.38
CA GLN A 7 -13.89 -26.63 34.11
C GLN A 7 -13.89 -26.25 32.63
N ASN A 8 -13.98 -27.27 31.79
CA ASN A 8 -14.02 -27.02 30.36
C ASN A 8 -15.28 -26.23 29.93
N ASN A 9 -16.44 -26.55 30.51
CA ASN A 9 -17.68 -25.79 30.22
C ASN A 9 -17.61 -24.36 30.74
N GLN A 10 -16.97 -24.18 31.89
CA GLN A 10 -16.82 -22.84 32.46
C GLN A 10 -15.87 -21.94 31.65
N ARG A 11 -14.77 -22.49 31.16
CA ARG A 11 -13.96 -21.73 30.22
C ARG A 11 -14.79 -21.21 29.04
N LYS A 12 -15.60 -22.09 28.46
CA LYS A 12 -16.42 -21.73 27.31
C LYS A 12 -17.39 -20.61 27.62
N ASP A 13 -17.99 -20.67 28.81
CA ASP A 13 -18.86 -19.58 29.27
C ASP A 13 -18.09 -18.28 29.44
N ARG A 14 -16.91 -18.33 30.04
CA ARG A 14 -16.10 -17.09 30.24
C ARG A 14 -15.68 -16.45 28.91
N ARG A 15 -15.25 -17.30 27.97
CA ARG A 15 -14.91 -16.88 26.61
C ARG A 15 -15.99 -16.00 26.02
N LEU A 16 -17.22 -16.51 26.06
CA LEU A 16 -18.37 -15.83 25.48
C LEU A 16 -18.64 -14.53 26.23
N GLN A 17 -18.48 -14.57 27.54
CA GLN A 17 -18.72 -13.38 28.35
C GLN A 17 -17.74 -12.26 28.00
N PHE A 18 -16.46 -12.58 27.82
CA PHE A 18 -15.50 -11.59 27.29
C PHE A 18 -16.00 -10.92 26.03
N VAL A 19 -16.43 -11.76 25.07
CA VAL A 19 -16.87 -11.25 23.79
C VAL A 19 -18.13 -10.39 23.97
N ARG A 20 -19.07 -10.85 24.77
CA ARG A 20 -20.32 -10.10 25.02
C ARG A 20 -20.08 -8.78 25.79
N THR A 21 -19.27 -8.84 26.84
CA THR A 21 -18.94 -7.65 27.60
C THR A 21 -18.30 -6.56 26.74
N HIS A 22 -17.48 -6.97 25.78
CA HIS A 22 -16.88 -6.03 24.84
C HIS A 22 -17.93 -5.35 23.93
N GLN A 23 -18.84 -6.16 23.38
CA GLN A 23 -19.94 -5.62 22.59
C GLN A 23 -20.76 -4.61 23.40
N GLU A 24 -21.07 -4.94 24.64
CA GLU A 24 -21.87 -4.06 25.48
C GLU A 24 -21.14 -2.74 25.70
N ALA A 25 -19.90 -2.83 26.12
CA ALA A 25 -19.10 -1.65 26.46
C ALA A 25 -18.90 -0.66 25.30
N PHE A 26 -18.78 -1.16 24.08
CA PHE A 26 -18.46 -0.31 22.93
C PHE A 26 -19.56 -0.22 21.89
N ASP A 27 -20.79 -0.54 22.30
CA ASP A 27 -21.96 -0.41 21.44
C ASP A 27 -21.81 -1.11 20.10
N VAL A 28 -21.33 -2.34 20.11
CA VAL A 28 -21.16 -3.08 18.88
C VAL A 28 -22.50 -3.77 18.58
N LYS A 29 -23.03 -3.58 17.38
CA LYS A 29 -24.23 -4.28 16.95
C LYS A 29 -23.84 -5.71 16.60
N PRO A 30 -24.72 -6.69 16.88
CA PRO A 30 -24.42 -8.09 16.57
C PRO A 30 -24.62 -8.41 15.10
N THR A 31 -23.94 -7.66 14.25
CA THR A 31 -24.02 -7.80 12.80
C THR A 31 -23.18 -9.01 12.35
N PHE A 32 -23.64 -9.65 11.28
CA PHE A 32 -22.86 -10.65 10.58
C PHE A 32 -21.42 -10.17 10.47
N PRO A 33 -20.43 -11.03 10.77
CA PRO A 33 -20.45 -12.44 11.14
C PRO A 33 -20.30 -12.72 12.64
N LEU A 34 -20.66 -11.77 13.48
CA LEU A 34 -20.44 -11.92 14.92
C LEU A 34 -21.19 -13.08 15.58
N PRO A 35 -22.49 -13.25 15.33
CA PRO A 35 -23.12 -14.47 15.85
C PRO A 35 -22.44 -15.77 15.44
N LEU A 36 -22.08 -15.92 14.16
CA LEU A 36 -21.33 -17.09 13.69
C LEU A 36 -19.99 -17.23 14.41
N PHE A 37 -19.29 -16.12 14.63
CA PHE A 37 -18.02 -16.18 15.30
C PHE A 37 -18.14 -16.70 16.74
N GLU A 38 -19.19 -16.28 17.42
CA GLU A 38 -19.44 -16.73 18.78
C GLU A 38 -19.62 -18.26 18.81
N GLU A 39 -20.38 -18.79 17.86
CA GLU A 39 -20.55 -20.24 17.77
C GLU A 39 -19.20 -20.90 17.49
N ALA A 40 -18.39 -20.30 16.62
CA ALA A 40 -17.11 -20.93 16.26
C ALA A 40 -16.15 -21.07 17.45
N ILE A 41 -16.07 -20.03 18.28
CA ILE A 41 -15.08 -20.07 19.36
C ILE A 41 -15.48 -20.98 20.50
N LEU A 42 -16.76 -21.28 20.60
CA LEU A 42 -17.24 -22.26 21.56
C LEU A 42 -16.76 -23.68 21.24
N GLU A 43 -16.41 -23.93 19.97
CA GLU A 43 -15.92 -25.24 19.57
C GLU A 43 -14.45 -25.46 19.81
N ILE A 44 -13.70 -24.43 20.20
CA ILE A 44 -12.28 -24.59 20.47
C ILE A 44 -12.10 -25.31 21.79
N GLU A 45 -11.33 -26.40 21.76
CA GLU A 45 -11.07 -27.18 22.99
C GLU A 45 -9.89 -26.62 23.78
N GLY A 46 -9.94 -26.84 25.10
CA GLY A 46 -8.88 -26.38 26.00
C GLY A 46 -9.12 -24.94 26.44
N SER A 47 -8.06 -24.27 26.86
CA SER A 47 -8.16 -22.92 27.37
C SER A 47 -7.78 -21.96 26.25
N CYS A 48 -8.57 -20.91 26.09
CA CYS A 48 -8.36 -19.89 25.08
C CYS A 48 -8.08 -18.53 25.67
N SER A 49 -7.38 -17.71 24.89
CA SER A 49 -7.31 -16.28 25.14
C SER A 49 -8.18 -15.57 24.12
N VAL A 50 -8.88 -14.53 24.57
CA VAL A 50 -9.68 -13.71 23.69
C VAL A 50 -9.07 -12.33 23.66
N GLU A 51 -8.63 -11.91 22.49
CA GLU A 51 -8.02 -10.59 22.34
C GLU A 51 -9.00 -9.70 21.61
N SER A 52 -9.66 -8.84 22.36
CA SER A 52 -10.61 -7.90 21.80
C SER A 52 -9.88 -6.58 21.48
N SER A 53 -10.41 -5.79 20.56
CA SER A 53 -9.84 -4.48 20.31
C SER A 53 -10.85 -3.48 19.77
N CYS A 54 -10.44 -2.23 19.79
CA CYS A 54 -11.18 -1.13 19.21
C CYS A 54 -10.28 -0.36 18.30
N GLN A 55 -10.69 -0.23 17.06
CA GLN A 55 -9.97 0.64 16.11
C GLN A 55 -10.57 2.01 16.22
N VAL A 56 -9.73 2.98 16.54
CA VAL A 56 -10.17 4.36 16.69
C VAL A 56 -9.69 5.22 15.54
N GLU A 57 -10.58 6.07 15.05
CA GLU A 57 -10.25 6.98 13.95
C GLU A 57 -10.91 8.33 14.23
N GLY A 58 -10.18 9.20 14.91
CA GLY A 58 -10.72 10.44 15.40
C GLY A 58 -11.81 10.18 16.42
N ASP A 59 -13.05 10.51 16.07
CA ASP A 59 -14.19 10.24 16.95
C ASP A 59 -15.01 9.03 16.52
N ARG A 60 -14.49 8.25 15.57
CA ARG A 60 -15.09 6.95 15.21
C ARG A 60 -14.41 5.84 15.95
N LEU A 61 -15.21 4.88 16.38
CA LEU A 61 -14.74 3.71 17.08
C LEU A 61 -15.38 2.47 16.45
N GLN A 62 -14.55 1.51 16.09
CA GLN A 62 -15.02 0.22 15.61
C GLN A 62 -14.60 -0.88 16.59
N GLY A 63 -15.57 -1.44 17.31
CA GLY A 63 -15.30 -2.33 18.42
C GLY A 63 -15.52 -3.82 18.21
N GLY A 64 -16.07 -4.22 17.08
CA GLY A 64 -16.37 -5.64 16.86
C GLY A 64 -15.18 -6.40 16.30
N ARG A 65 -14.12 -6.49 17.10
CA ARG A 65 -12.84 -7.05 16.70
C ARG A 65 -12.30 -8.01 17.76
N TYR A 66 -12.13 -9.28 17.36
CA TYR A 66 -11.64 -10.32 18.25
C TYR A 66 -10.67 -11.26 17.56
N GLU A 67 -9.65 -11.66 18.30
CA GLU A 67 -8.81 -12.79 17.94
CA GLU A 67 -8.83 -12.79 17.95
C GLU A 67 -8.86 -13.77 19.11
N VAL A 68 -9.17 -15.04 18.79
CA VAL A 68 -9.23 -16.10 19.77
C VAL A 68 -8.29 -17.23 19.40
N CYS A 69 -7.57 -17.74 20.39
CA CYS A 69 -6.83 -18.98 20.16
C CYS A 69 -6.57 -19.74 21.43
N ASN A 70 -6.26 -21.02 21.26
CA ASN A 70 -5.84 -21.86 22.35
C ASN A 70 -4.51 -21.35 22.87
N ASN A 71 -4.39 -21.27 24.18
CA ASN A 71 -3.23 -20.67 24.81
C ASN A 71 -2.46 -21.72 25.60
N GLN A 72 -2.75 -23.00 25.37
CA GLN A 72 -2.06 -24.12 26.01
C GLN A 72 -1.19 -24.91 25.02
N GLY A 73 0.02 -24.45 24.76
CA GLY A 73 0.93 -25.14 23.87
C GLY A 73 0.54 -25.18 22.40
N THR A 74 0.92 -26.26 21.73
CA THR A 74 0.84 -26.35 20.29
C THR A 74 -0.43 -27.02 19.82
N THR A 75 -1.24 -26.30 19.04
CA THR A 75 -2.42 -26.92 18.40
C THR A 75 -2.35 -26.94 16.87
N TRP A 76 -1.27 -26.45 16.29
CA TRP A 76 -1.05 -26.60 14.86
C TRP A 76 -0.72 -28.04 14.53
N PRO A 77 -1.30 -28.61 13.46
CA PRO A 77 -2.14 -28.01 12.44
C PRO A 77 -3.64 -28.17 12.66
N GLU A 78 -4.06 -28.83 13.74
CA GLU A 78 -5.50 -28.98 14.00
C GLU A 78 -6.21 -27.64 14.21
N SER A 79 -5.49 -26.62 14.65
CA SER A 79 -6.08 -25.29 14.75
C SER A 79 -6.62 -24.79 13.40
N LEU A 80 -6.10 -25.27 12.29
CA LEU A 80 -6.61 -24.90 10.98
C LEU A 80 -8.09 -25.26 10.77
N THR A 81 -8.54 -26.36 11.34
CA THR A 81 -9.90 -26.79 11.10
C THR A 81 -10.88 -25.70 11.51
N HIS A 82 -10.58 -24.99 12.60
CA HIS A 82 -11.43 -23.90 13.05
C HIS A 82 -11.50 -22.78 12.03
N ALA A 83 -10.36 -22.46 11.43
CA ALA A 83 -10.29 -21.43 10.42
C ALA A 83 -11.10 -21.80 9.20
N PHE A 84 -10.87 -23.00 8.69
CA PHE A 84 -11.57 -23.46 7.50
C PHE A 84 -13.07 -23.55 7.71
N LYS A 85 -13.52 -24.07 8.85
CA LYS A 85 -14.96 -24.08 9.18
C LYS A 85 -15.55 -22.69 9.16
N LEU A 86 -14.84 -21.73 9.74
CA LEU A 86 -15.32 -20.35 9.82
C LEU A 86 -15.43 -19.74 8.45
N LEU A 87 -14.39 -19.91 7.65
CA LEU A 87 -14.37 -19.41 6.28
C LEU A 87 -15.50 -20.02 5.44
N ASP A 88 -15.77 -21.31 5.61
CA ASP A 88 -16.89 -21.98 4.91
C ASP A 88 -18.22 -21.36 5.30
N LYS A 89 -18.44 -21.15 6.58
CA LYS A 89 -19.69 -20.50 7.01
C LYS A 89 -19.82 -19.06 6.45
N ILE A 90 -18.74 -18.32 6.42
CA ILE A 90 -18.81 -16.92 5.97
C ILE A 90 -18.99 -16.82 4.45
N ASP A 91 -18.29 -17.67 3.71
CA ASP A 91 -18.33 -17.60 2.26
C ASP A 91 -19.74 -17.86 1.74
N SER A 92 -20.45 -18.80 2.37
CA SER A 92 -21.79 -19.13 1.96
C SER A 92 -22.83 -18.02 2.19
N GLN A 93 -22.42 -16.92 2.81
CA GLN A 93 -23.28 -15.75 2.96
C GLN A 93 -23.35 -14.96 1.67
N LEU A 94 -24.58 -14.68 1.23
CA LEU A 94 -24.80 -13.87 0.02
C LEU A 94 -24.22 -12.47 0.23
N GLY A 95 -23.54 -11.98 -0.80
CA GLY A 95 -22.98 -10.65 -0.77
C GLY A 95 -21.60 -10.64 -0.16
N VAL A 96 -21.09 -11.81 0.22
CA VAL A 96 -19.78 -11.93 0.82
C VAL A 96 -18.89 -12.70 -0.15
N ARG A 97 -17.69 -12.19 -0.34
CA ARG A 97 -16.73 -12.80 -1.22
C ARG A 97 -15.41 -12.80 -0.47
N ILE A 98 -14.78 -13.98 -0.44
CA ILE A 98 -13.57 -14.17 0.31
C ILE A 98 -12.48 -14.72 -0.61
N ASN A 99 -11.36 -14.01 -0.70
CA ASN A 99 -10.20 -14.54 -1.39
C ASN A 99 -9.29 -15.21 -0.39
N ARG A 100 -9.36 -16.54 -0.36
CA ARG A 100 -8.57 -17.30 0.59
C ARG A 100 -7.29 -17.91 0.00
N ASP A 101 -6.90 -17.49 -1.20
CA ASP A 101 -5.74 -18.06 -1.86
C ASP A 101 -4.47 -18.01 -1.00
N SER A 102 -4.12 -16.85 -0.44
CA SER A 102 -2.85 -16.75 0.31
C SER A 102 -2.84 -17.62 1.53
N PHE A 103 -3.92 -17.57 2.31
CA PHE A 103 -4.04 -18.43 3.49
C PHE A 103 -4.02 -19.95 3.15
N ASP A 104 -4.78 -20.34 2.12
CA ASP A 104 -4.77 -21.73 1.67
C ASP A 104 -3.37 -22.20 1.24
N ARG A 105 -2.65 -21.37 0.51
CA ARG A 105 -1.31 -21.73 0.06
C ARG A 105 -0.35 -21.81 1.25
N PHE A 106 -0.48 -20.93 2.23
CA PHE A 106 0.42 -20.98 3.38
C PHE A 106 0.12 -22.22 4.21
N ALA A 107 -1.17 -22.49 4.41
CA ALA A 107 -1.61 -23.65 5.17
C ALA A 107 -1.16 -24.95 4.50
N ALA A 108 -1.39 -25.04 3.19
CA ALA A 108 -0.94 -26.19 2.41
C ALA A 108 0.55 -26.35 2.55
N ALA A 109 1.29 -25.26 2.37
CA ALA A 109 2.76 -25.33 2.41
C ALA A 109 3.31 -25.79 3.75
N HIS A 110 2.70 -25.38 4.85
CA HIS A 110 3.34 -25.58 6.14
C HIS A 110 2.55 -26.42 7.12
N VAL A 111 1.59 -27.17 6.60
CA VAL A 111 0.78 -28.07 7.43
C VAL A 111 1.61 -29.03 8.29
N ASN A 112 2.67 -29.60 7.73
CA ASN A 112 3.53 -30.50 8.50
C ASN A 112 4.66 -29.80 9.22
N SER A 113 4.66 -28.46 9.25
CA SER A 113 5.72 -27.75 9.99
C SER A 113 5.59 -28.03 11.48
N ARG A 114 6.74 -28.21 12.14
CA ARG A 114 6.81 -28.35 13.60
C ARG A 114 7.27 -27.04 14.26
N LYS A 115 7.24 -25.94 13.50
CA LYS A 115 7.69 -24.63 14.00
C LYS A 115 6.58 -23.63 14.21
N ILE A 116 5.34 -24.10 14.16
CA ILE A 116 4.16 -23.28 14.31
C ILE A 116 3.42 -23.71 15.59
N ILE A 117 3.08 -22.74 16.42
CA ILE A 117 2.34 -22.99 17.65
C ILE A 117 0.87 -23.22 17.33
N ASN A 118 0.28 -22.29 16.61
CA ASN A 118 -1.14 -22.34 16.28
C ASN A 118 -1.47 -21.30 15.27
N ASN A 119 -2.72 -21.31 14.86
CA ASN A 119 -3.34 -20.13 14.25
C ASN A 119 -4.50 -19.69 15.14
N THR A 120 -4.86 -18.41 15.04
CA THR A 120 -6.01 -17.88 15.72
C THR A 120 -7.22 -17.97 14.79
N ILE A 121 -8.39 -17.62 15.31
CA ILE A 121 -9.45 -17.21 14.44
C ILE A 121 -9.98 -15.89 14.95
N GLY A 122 -10.41 -15.06 14.03
CA GLY A 122 -10.87 -13.78 14.38
C GLY A 122 -11.73 -13.16 13.32
N VAL A 123 -12.49 -12.16 13.74
CA VAL A 123 -13.30 -11.35 12.87
C VAL A 123 -13.11 -9.88 13.25
N HIS A 124 -13.10 -9.03 12.24
CA HIS A 124 -13.16 -7.59 12.41
C HIS A 124 -14.36 -7.05 11.65
N LEU A 125 -15.35 -6.61 12.41
CA LEU A 125 -16.53 -5.93 11.87
C LEU A 125 -16.12 -4.54 11.38
N GLY A 126 -16.50 -4.18 10.15
CA GLY A 126 -16.33 -2.81 9.65
C GLY A 126 -17.63 -2.05 9.72
N SER A 127 -17.64 -0.85 9.17
CA SER A 127 -18.85 -0.02 9.12
C SER A 127 -19.94 -0.63 8.23
N LYS A 128 -19.53 -1.43 7.26
CA LYS A 128 -20.47 -2.17 6.42
C LYS A 128 -19.93 -3.53 6.09
N LEU A 129 -20.81 -4.39 5.59
CA LEU A 129 -20.48 -5.78 5.31
C LEU A 129 -19.15 -5.93 4.54
N GLU A 130 -18.99 -5.17 3.46
CA GLU A 130 -17.87 -5.28 2.56
C GLU A 130 -16.53 -4.82 3.18
N ASP A 131 -16.58 -4.05 4.27
CA ASP A 131 -15.38 -3.67 5.01
C ASP A 131 -15.04 -4.60 6.16
N SER A 132 -15.88 -5.61 6.43
CA SER A 132 -15.61 -6.52 7.52
C SER A 132 -14.68 -7.59 7.02
N SER A 133 -14.05 -8.30 7.93
CA SER A 133 -13.05 -9.27 7.54
C SER A 133 -12.99 -10.43 8.49
N VAL A 134 -12.39 -11.52 8.01
CA VAL A 134 -11.88 -12.59 8.87
C VAL A 134 -10.38 -12.30 9.03
N MSE A 135 -9.90 -12.47 10.26
CA MSE A 135 -8.50 -12.22 10.59
C MSE A 135 -7.94 -13.48 11.13
O MSE A 135 -8.51 -14.10 12.03
CB MSE A 135 -8.42 -11.09 11.63
CG MSE A 135 -6.98 -10.71 11.98
SE MSE A 135 -6.21 -9.55 10.59
CE MSE A 135 -4.68 -10.67 10.12
N LEU A 136 -6.83 -13.91 10.58
CA LEU A 136 -6.19 -15.14 10.99
C LEU A 136 -4.71 -14.89 11.21
N TYR A 137 -4.22 -15.21 12.40
CA TYR A 137 -2.82 -15.04 12.69
C TYR A 137 -2.18 -16.40 12.86
N ILE A 138 -0.99 -16.57 12.29
CA ILE A 138 -0.17 -17.73 12.56
C ILE A 138 0.89 -17.31 13.58
N HIS A 139 0.95 -18.02 14.70
CA HIS A 139 1.97 -17.78 15.72
C HIS A 139 3.09 -18.80 15.62
N ILE A 140 4.30 -18.29 15.39
CA ILE A 140 5.46 -19.10 15.10
C ILE A 140 6.23 -19.31 16.39
N LYS A 141 6.89 -20.47 16.53
CA LYS A 141 7.68 -20.76 17.73
C LYS A 141 8.87 -19.83 17.74
N PRO A 142 9.07 -19.09 18.85
CA PRO A 142 10.18 -18.10 18.90
C PRO A 142 11.57 -18.66 18.76
N GLU A 143 11.80 -19.90 19.22
CA GLU A 143 13.15 -20.47 19.29
C GLU A 143 13.50 -21.40 18.13
N GLU A 144 12.72 -21.34 17.06
CA GLU A 144 13.05 -22.09 15.85
C GLU A 144 13.60 -21.13 14.80
N ASP A 145 14.43 -21.64 13.90
CA ASP A 145 14.82 -20.92 12.70
C ASP A 145 13.65 -21.07 11.72
N THR A 146 12.98 -19.95 11.44
CA THR A 146 11.71 -19.99 10.74
C THR A 146 11.73 -19.19 9.45
N GLU A 147 12.92 -19.07 8.86
CA GLU A 147 13.09 -18.45 7.55
C GLU A 147 12.18 -19.01 6.46
N GLU A 148 11.98 -20.33 6.41
CA GLU A 148 11.12 -20.90 5.35
C GLU A 148 9.64 -20.48 5.45
N LEU A 149 9.14 -20.32 6.68
CA LEU A 149 7.78 -19.82 6.89
C LEU A 149 7.70 -18.37 6.41
N ALA A 150 8.67 -17.56 6.83
CA ALA A 150 8.69 -16.14 6.52
C ALA A 150 8.87 -15.92 5.03
N ARG A 151 9.63 -16.77 4.36
CA ARG A 151 9.76 -16.69 2.88
C ARG A 151 8.45 -16.89 2.15
N THR A 152 7.74 -17.96 2.52
CA THR A 152 6.43 -18.24 1.94
C THR A 152 5.50 -17.03 2.11
N ALA A 153 5.42 -16.50 3.34
CA ALA A 153 4.58 -15.30 3.60
C ALA A 153 5.00 -14.11 2.76
N LEU A 154 6.31 -13.89 2.68
CA LEU A 154 6.87 -12.78 1.91
C LEU A 154 6.52 -12.90 0.42
N VAL A 155 6.61 -14.10 -0.12
CA VAL A 155 6.19 -14.37 -1.49
C VAL A 155 4.69 -14.09 -1.69
N LEU A 156 3.86 -14.57 -0.78
CA LEU A 156 2.41 -14.33 -0.88
C LEU A 156 2.10 -12.86 -0.71
N ASP A 157 2.87 -12.15 0.11
CA ASP A 157 2.68 -10.71 0.27
C ASP A 157 3.11 -10.00 -1.01
N GLY A 158 4.24 -10.42 -1.56
CA GLY A 158 4.77 -9.85 -2.79
C GLY A 158 5.23 -8.41 -2.71
N GLY A 159 5.44 -7.88 -1.50
CA GLY A 159 5.98 -6.55 -1.34
C GLY A 159 7.45 -6.56 -1.70
N ARG A 160 8.02 -5.38 -1.93
CA ARG A 160 9.45 -5.26 -2.22
C ARG A 160 10.08 -4.42 -1.15
N TYR A 161 10.99 -4.99 -0.39
CA TYR A 161 11.59 -4.31 0.76
C TYR A 161 13.08 -4.16 0.55
N SER A 162 13.68 -3.25 1.29
CA SER A 162 15.13 -3.08 1.24
C SER A 162 15.85 -4.34 1.75
N ASP A 163 17.13 -4.45 1.43
CA ASP A 163 18.00 -5.51 1.97
C ASP A 163 17.87 -5.61 3.49
N GLU A 164 18.04 -4.48 4.18
CA GLU A 164 17.93 -4.42 5.64
C GLU A 164 16.56 -4.92 6.19
N LEU A 165 15.47 -4.43 5.59
CA LEU A 165 14.15 -4.82 6.05
C LEU A 165 13.84 -6.28 5.67
N THR A 166 14.30 -6.73 4.50
CA THR A 166 14.09 -8.11 4.11
C THR A 166 14.65 -9.07 5.14
N ARG A 167 15.86 -8.77 5.62
CA ARG A 167 16.50 -9.60 6.66
C ARG A 167 15.73 -9.56 7.97
N VAL A 168 15.25 -8.39 8.37
CA VAL A 168 14.40 -8.30 9.55
C VAL A 168 13.18 -9.21 9.39
N LEU A 169 12.54 -9.14 8.23
CA LEU A 169 11.34 -9.96 7.98
C LEU A 169 11.68 -11.44 7.92
N LEU A 170 12.77 -11.79 7.25
CA LEU A 170 13.14 -13.20 7.08
C LEU A 170 13.57 -13.85 8.42
N ARG A 171 14.20 -13.06 9.30
CA ARG A 171 14.79 -13.59 10.53
C ARG A 171 13.92 -13.42 11.78
N ASP A 172 13.20 -12.30 11.93
CA ASP A 172 12.50 -12.01 13.20
C ASP A 172 10.96 -12.12 13.15
N THR A 173 10.40 -12.51 12.00
CA THR A 173 8.94 -12.68 11.87
C THR A 173 8.50 -13.76 12.84
N MSE A 174 7.63 -13.35 13.76
CA MSE A 174 7.10 -14.28 14.76
C MSE A 174 5.59 -14.47 14.61
O MSE A 174 5.05 -15.40 15.15
CB MSE A 174 7.40 -13.72 16.14
CG MSE A 174 7.81 -14.78 17.14
SE MSE A 174 8.26 -13.81 18.82
CE MSE A 174 6.40 -13.48 19.38
N VAL A 175 4.94 -13.57 13.90
CA VAL A 175 3.52 -13.69 13.61
C VAL A 175 3.31 -13.37 12.13
N ILE A 176 2.40 -14.10 11.50
CA ILE A 176 1.94 -13.80 10.15
C ILE A 176 0.42 -13.64 10.17
N GLY A 177 -0.05 -12.50 9.68
CA GLY A 177 -1.47 -12.16 9.61
C GLY A 177 -2.02 -12.32 8.20
N PHE A 178 -3.23 -12.87 8.11
CA PHE A 178 -3.95 -12.95 6.86
C PHE A 178 -5.30 -12.30 7.12
N GLU A 179 -5.59 -11.20 6.42
CA GLU A 179 -6.86 -10.53 6.58
C GLU A 179 -7.67 -10.71 5.32
N LEU A 180 -8.87 -11.25 5.47
CA LEU A 180 -9.73 -11.56 4.34
C LEU A 180 -11.00 -10.75 4.40
N PHE A 181 -11.05 -9.69 3.59
CA PHE A 181 -12.19 -8.82 3.56
C PHE A 181 -13.33 -9.42 2.75
N PHE A 182 -14.55 -9.03 3.09
CA PHE A 182 -15.74 -9.62 2.49
C PHE A 182 -16.07 -9.07 1.11
N ASP A 183 -15.32 -8.09 0.63
CA ASP A 183 -15.40 -7.66 -0.76
C ASP A 183 -14.38 -8.33 -1.67
N GLY A 184 -13.63 -9.30 -1.17
CA GLY A 184 -12.67 -10.03 -2.00
C GLY A 184 -11.24 -9.55 -1.85
N ARG A 185 -10.99 -8.45 -1.14
CA ARG A 185 -9.61 -8.04 -0.84
C ARG A 185 -9.00 -8.91 0.25
N SER A 186 -7.72 -9.20 0.12
CA SER A 186 -7.01 -9.93 1.13
C SER A 186 -5.66 -9.30 1.35
N ARG A 187 -5.08 -9.49 2.53
CA ARG A 187 -3.79 -8.94 2.87
C ARG A 187 -3.01 -9.94 3.72
N VAL A 188 -1.69 -9.86 3.58
CA VAL A 188 -0.76 -10.63 4.35
C VAL A 188 0.11 -9.61 5.12
N ASP A 189 0.17 -9.79 6.44
CA ASP A 189 0.98 -8.99 7.33
C ASP A 189 2.15 -9.83 7.83
N LEU A 190 3.39 -9.34 7.66
CA LEU A 190 4.58 -9.96 8.26
C LEU A 190 4.97 -9.24 9.52
N GLY A 191 5.11 -10.00 10.60
CA GLY A 191 5.13 -9.45 11.95
C GLY A 191 6.39 -9.79 12.70
N PRO A 192 7.51 -9.14 12.35
CA PRO A 192 8.67 -9.26 13.18
C PRO A 192 8.42 -8.69 14.59
N CYS A 193 8.97 -9.35 15.59
CA CYS A 193 8.84 -8.95 16.99
C CYS A 193 10.18 -8.93 17.69
N ALA A 194 10.27 -8.11 18.76
CA ALA A 194 11.45 -8.08 19.65
C ALA A 194 11.02 -8.03 21.10
N PRO A 195 11.76 -8.69 22.01
CA PRO A 195 11.39 -8.75 23.44
C PRO A 195 11.48 -7.39 24.17
N LYS A 204 15.19 -14.31 18.23
CA LYS A 204 14.53 -13.27 17.46
C LYS A 204 14.46 -11.91 18.17
N GLY A 205 14.66 -10.85 17.39
CA GLY A 205 14.41 -9.49 17.87
C GLY A 205 15.52 -8.51 17.58
N LYS A 206 16.74 -9.00 17.53
CA LYS A 206 17.90 -8.11 17.40
C LYS A 206 17.95 -7.40 16.06
N HIS A 207 17.48 -8.03 14.99
CA HIS A 207 17.41 -7.35 13.69
C HIS A 207 16.37 -6.24 13.72
N LEU A 208 15.21 -6.50 14.33
CA LEU A 208 14.17 -5.49 14.47
C LEU A 208 14.62 -4.34 15.38
N GLU A 209 15.27 -4.66 16.50
CA GLU A 209 15.80 -3.65 17.41
C GLU A 209 16.76 -2.72 16.66
N GLN A 210 17.69 -3.32 15.91
CA GLN A 210 18.67 -2.54 15.15
C GLN A 210 18.01 -1.68 14.11
N TYR A 211 17.05 -2.26 13.40
CA TYR A 211 16.33 -1.55 12.35
C TYR A 211 15.59 -0.36 12.95
N THR A 212 14.96 -0.60 14.09
CA THR A 212 14.30 0.42 14.85
C THR A 212 15.25 1.54 15.27
N GLN A 213 16.36 1.18 15.86
CA GLN A 213 17.34 2.19 16.31
C GLN A 213 17.84 3.04 15.17
N LYS A 214 18.16 2.41 14.03
CA LYS A 214 18.66 3.15 12.86
C LYS A 214 17.62 3.93 12.08
N ASN A 215 16.38 3.43 12.02
CA ASN A 215 15.43 3.95 11.05
C ASN A 215 14.21 4.65 11.62
N LEU A 216 13.80 4.32 12.84
CA LEU A 216 12.52 4.78 13.32
C LEU A 216 12.70 6.00 14.21
N SER A 217 11.60 6.71 14.48
CA SER A 217 11.68 7.99 15.14
C SER A 217 12.19 7.86 16.58
N ARG A 218 12.63 8.98 17.13
CA ARG A 218 13.05 9.03 18.52
C ARG A 218 11.91 8.64 19.45
N LYS A 219 10.69 9.04 19.10
CA LYS A 219 9.54 8.71 19.92
C LYS A 219 9.31 7.18 19.98
N VAL A 220 9.43 6.52 18.83
CA VAL A 220 9.41 5.04 18.79
C VAL A 220 10.53 4.44 19.62
N ASN A 221 11.76 4.91 19.39
CA ASN A 221 12.91 4.42 20.15
C ASN A 221 12.82 4.64 21.65
N SER A 222 12.12 5.68 22.08
CA SER A 222 12.03 5.97 23.51
C SER A 222 11.04 5.11 24.26
N ILE A 223 10.09 4.46 23.55
CA ILE A 223 9.06 3.64 24.20
C ILE A 223 9.10 2.15 23.87
N PHE A 224 9.77 1.75 22.80
CA PHE A 224 9.54 0.39 22.28
C PHE A 224 10.05 -0.73 23.18
N ARG A 225 10.98 -0.43 24.07
CA ARG A 225 11.54 -1.40 25.01
C ARG A 225 10.87 -1.37 26.38
N GLU A 226 9.93 -0.46 26.58
CA GLU A 226 9.22 -0.30 27.86
C GLU A 226 8.17 -1.36 28.19
N GLY A 227 7.62 -2.01 27.16
CA GLY A 227 6.68 -3.10 27.36
C GLY A 227 7.45 -4.41 27.30
N TYR A 228 6.75 -5.53 27.34
CA TYR A 228 7.43 -6.81 27.28
C TYR A 228 7.68 -7.29 25.85
N LEU A 229 7.00 -6.68 24.88
CA LEU A 229 7.17 -7.08 23.48
C LEU A 229 6.94 -5.90 22.61
N PHE A 230 7.67 -5.85 21.51
CA PHE A 230 7.48 -4.82 20.48
C PHE A 230 7.36 -5.56 19.16
N GLY A 231 6.42 -5.13 18.34
CA GLY A 231 6.23 -5.73 17.01
C GLY A 231 5.88 -4.71 15.97
N ALA A 232 6.11 -5.05 14.73
CA ALA A 232 5.74 -4.21 13.62
C ALA A 232 5.15 -5.10 12.55
N PHE A 233 4.04 -4.71 11.97
CA PHE A 233 3.52 -5.42 10.81
C PHE A 233 3.81 -4.70 9.52
N PHE A 234 4.54 -5.35 8.64
CA PHE A 234 4.77 -4.88 7.28
C PHE A 234 3.87 -5.62 6.27
N SER A 235 3.48 -4.91 5.22
CA SER A 235 2.71 -5.51 4.14
C SER A 235 2.91 -4.69 2.89
N LYS A 236 2.80 -5.35 1.74
CA LYS A 236 2.71 -4.65 0.45
C LYS A 236 1.57 -3.62 0.47
N THR A 237 0.56 -3.89 1.28
CA THR A 237 -0.64 -3.07 1.33
C THR A 237 -0.45 -1.86 2.24
N ARG A 238 0.64 -1.81 2.99
CA ARG A 238 0.86 -0.76 3.96
C ARG A 238 1.99 0.16 3.51
N VAL A 239 1.69 1.45 3.47
CA VAL A 239 2.69 2.45 3.17
C VAL A 239 3.77 2.49 4.27
N GLU A 240 3.38 2.25 5.50
CA GLU A 240 4.34 2.18 6.60
C GLU A 240 3.83 1.12 7.55
N PRO A 241 4.75 0.47 8.29
CA PRO A 241 4.31 -0.55 9.20
C PRO A 241 3.37 -0.03 10.28
N ILE A 242 2.55 -0.92 10.82
CA ILE A 242 1.83 -0.67 12.05
C ILE A 242 2.64 -1.27 13.20
N LEU A 243 2.91 -0.44 14.21
CA LEU A 243 3.77 -0.82 15.32
C LEU A 243 2.89 -1.25 16.44
N PHE A 244 3.29 -2.30 17.16
CA PHE A 244 2.51 -2.81 18.26
C PHE A 244 3.40 -2.70 19.50
N PHE A 245 2.84 -2.19 20.58
CA PHE A 245 3.53 -2.09 21.86
C PHE A 245 2.74 -2.87 22.90
N TYR A 246 3.26 -4.03 23.34
CA TYR A 246 2.58 -4.92 24.29
C TYR A 246 3.00 -4.63 25.73
N HIS A 247 2.02 -4.48 26.62
CA HIS A 247 2.26 -4.23 28.04
C HIS A 247 1.44 -5.17 28.91
N SER A 248 2.06 -5.65 29.99
CA SER A 248 1.38 -6.53 30.92
C SER A 248 0.83 -5.77 32.11
N ILE A 249 1.22 -4.51 32.27
CA ILE A 249 0.68 -3.66 33.33
C ILE A 249 -0.06 -2.48 32.68
N ILE A 250 -1.38 -2.53 32.78
CA ILE A 250 -2.25 -1.56 32.13
C ILE A 250 -1.95 -0.12 32.54
N LYS A 251 -1.67 0.08 33.82
CA LYS A 251 -1.46 1.42 34.38
C LYS A 251 -0.21 2.10 33.85
N ASP A 252 0.67 1.35 33.20
CA ASP A 252 1.83 1.92 32.55
C ASP A 252 1.51 2.62 31.23
N LEU A 253 0.34 2.40 30.63
CA LEU A 253 0.06 3.01 29.31
C LEU A 253 0.13 4.53 29.30
N PRO A 254 -0.52 5.21 30.27
CA PRO A 254 -0.44 6.70 30.31
C PRO A 254 0.97 7.28 30.45
N LYS A 255 1.93 6.46 30.88
CA LYS A 255 3.33 6.88 30.90
C LYS A 255 3.88 7.06 29.50
N TYR A 256 3.35 6.33 28.51
CA TYR A 256 3.96 6.31 27.19
C TYR A 256 3.08 6.82 26.05
N PHE A 257 1.77 6.87 26.27
CA PHE A 257 0.83 7.30 25.26
C PHE A 257 -0.13 8.32 25.83
N THR A 258 -0.54 9.27 24.99
CA THR A 258 -1.64 10.19 25.29
C THR A 258 -2.73 9.97 24.25
N PHE A 259 -3.96 9.77 24.70
CA PHE A 259 -5.04 9.37 23.83
C PHE A 259 -6.00 10.51 23.59
N ASN A 260 -6.70 10.45 22.44
CA ASN A 260 -7.90 11.24 22.26
C ASN A 260 -8.96 10.72 23.24
N SER A 261 -10.15 11.31 23.22
CA SER A 261 -11.17 10.97 24.21
C SER A 261 -11.60 9.50 24.16
N LEU A 262 -11.78 8.99 22.94
CA LEU A 262 -12.14 7.57 22.79
C LEU A 262 -11.09 6.62 23.36
N GLY A 263 -9.81 6.96 23.25
CA GLY A 263 -8.74 6.13 23.82
C GLY A 263 -8.80 6.12 25.34
N ASP A 264 -9.13 7.26 25.93
CA ASP A 264 -9.32 7.36 27.38
C ASP A 264 -10.49 6.48 27.82
N LYS A 265 -11.56 6.45 27.04
CA LYS A 265 -12.70 5.58 27.36
C LYS A 265 -12.29 4.11 27.33
N ILE A 266 -11.56 3.70 26.29
CA ILE A 266 -11.09 2.32 26.21
C ILE A 266 -10.16 2.03 27.38
N TYR A 267 -9.29 2.98 27.70
CA TYR A 267 -8.35 2.79 28.79
C TYR A 267 -9.04 2.58 30.12
N ASN A 268 -10.01 3.43 30.40
CA ASN A 268 -10.81 3.35 31.63
C ASN A 268 -11.57 2.05 31.73
N PHE A 269 -12.17 1.65 30.61
CA PHE A 269 -12.87 0.38 30.58
C PHE A 269 -11.92 -0.75 30.95
N CYS A 270 -10.72 -0.74 30.36
CA CYS A 270 -9.73 -1.80 30.64
C CYS A 270 -9.33 -1.91 32.11
N GLN A 271 -9.13 -0.75 32.77
CA GLN A 271 -8.67 -0.72 34.17
C GLN A 271 -9.73 -1.20 35.16
N SER A 272 -10.99 -1.15 34.77
CA SER A 272 -12.06 -1.69 35.60
C SER A 272 -12.36 -3.17 35.32
N GLN A 273 -11.83 -3.74 34.24
CA GLN A 273 -12.11 -5.15 33.91
C GLN A 273 -11.09 -6.12 34.51
N GLY A 274 -11.58 -7.26 34.99
CA GLY A 274 -10.70 -8.32 35.46
C GLY A 274 -10.22 -9.17 34.30
N CYS A 275 -9.31 -10.07 34.59
CA CYS A 275 -8.94 -11.14 33.65
C CYS A 275 -8.02 -10.72 32.53
N ILE A 276 -7.62 -9.45 32.51
CA ILE A 276 -6.73 -8.92 31.51
C ILE A 276 -5.27 -9.24 31.81
N THR A 277 -4.63 -9.97 30.91
CA THR A 277 -3.24 -10.38 31.07
C THR A 277 -2.27 -9.41 30.37
N ASP A 278 -2.73 -8.75 29.32
CA ASP A 278 -1.91 -7.80 28.58
C ASP A 278 -2.78 -6.92 27.69
N VAL A 279 -2.19 -5.77 27.30
CA VAL A 279 -2.80 -4.82 26.39
C VAL A 279 -1.77 -4.48 25.35
N ALA A 280 -2.22 -3.92 24.24
CA ALA A 280 -1.31 -3.46 23.22
C ALA A 280 -1.90 -2.29 22.50
N ILE A 281 -1.04 -1.33 22.18
CA ILE A 281 -1.42 -0.25 21.32
C ILE A 281 -0.76 -0.48 19.97
N ALA A 282 -1.57 -0.38 18.91
CA ALA A 282 -1.08 -0.49 17.54
C ALA A 282 -1.25 0.85 16.88
N VAL A 283 -0.16 1.38 16.35
CA VAL A 283 -0.10 2.74 15.85
C VAL A 283 1.05 2.87 14.85
N THR A 284 0.92 3.74 13.85
CA THR A 284 2.02 4.02 12.94
C THR A 284 3.03 5.00 13.56
N GLU A 285 4.26 4.94 13.07
CA GLU A 285 5.29 5.93 13.42
C GLU A 285 4.76 7.35 13.29
N THR A 286 4.15 7.63 12.13
CA THR A 286 3.58 8.93 11.81
C THR A 286 2.56 9.39 12.85
N GLU A 287 1.65 8.49 13.25
CA GLU A 287 0.62 8.85 14.22
C GLU A 287 1.19 9.05 15.62
N LEU A 288 2.29 8.37 15.93
CA LEU A 288 2.98 8.55 17.22
C LEU A 288 3.65 9.91 17.37
N GLU A 289 3.93 10.59 16.26
CA GLU A 289 4.57 11.89 16.30
C GLU A 289 3.62 12.97 16.83
N LYS A 290 2.31 12.70 16.80
CA LYS A 290 1.29 13.68 17.17
C LYS A 290 1.21 13.85 18.70
N SER A 291 0.69 14.99 19.16
CA SER A 291 0.54 15.26 20.59
C SER A 291 -0.45 14.29 21.25
N ARG A 292 -1.40 13.81 20.46
CA ARG A 292 -2.44 12.94 20.96
C ARG A 292 -2.74 11.88 19.91
N LEU A 293 -2.96 10.65 20.35
CA LEU A 293 -3.29 9.57 19.43
C LEU A 293 -4.74 9.70 19.01
N GLU A 294 -4.96 9.85 17.71
CA GLU A 294 -6.29 9.94 17.11
C GLU A 294 -6.62 8.69 16.28
N ASN A 295 -5.58 8.08 15.71
CA ASN A 295 -5.72 6.96 14.82
C ASN A 295 -4.85 5.81 15.31
N PHE A 296 -5.49 4.78 15.84
CA PHE A 296 -4.78 3.69 16.50
C PHE A 296 -5.74 2.56 16.80
N CYS A 297 -5.17 1.43 17.17
CA CYS A 297 -5.93 0.28 17.66
CA CYS A 297 -5.96 0.29 17.65
C CYS A 297 -5.51 -0.06 19.06
N PHE A 298 -6.47 -0.36 19.91
CA PHE A 298 -6.23 -0.69 21.30
C PHE A 298 -6.72 -2.15 21.55
N TYR A 299 -5.80 -3.01 21.95
CA TYR A 299 -6.05 -4.44 22.13
C TYR A 299 -5.96 -4.74 23.62
N TYR A 300 -6.81 -5.64 24.10
CA TYR A 300 -6.64 -6.21 25.42
C TYR A 300 -6.97 -7.70 25.35
N ASP A 301 -6.28 -8.48 26.18
CA ASP A 301 -6.27 -9.94 26.13
C ASP A 301 -6.80 -10.48 27.44
N GLN A 302 -7.78 -11.39 27.34
CA GLN A 302 -8.38 -12.02 28.50
C GLN A 302 -8.27 -13.55 28.36
N TRP A 303 -7.94 -14.21 29.48
CA TRP A 303 -7.76 -15.67 29.49
C TRP A 303 -8.97 -16.32 30.16
N ASP A 304 -9.54 -17.32 29.49
CA ASP A 304 -10.82 -17.89 29.92
C ASP A 304 -10.77 -18.76 31.17
N GLU A 305 -9.59 -18.95 31.74
CA GLU A 305 -9.46 -19.55 33.05
C GLU A 305 -9.54 -18.53 34.19
N CYS A 306 -9.63 -17.23 33.87
CA CYS A 306 -9.83 -16.20 34.90
C CYS A 306 -11.32 -16.09 35.18
N ASP B 1 -16.74 25.56 -36.62
CA ASP B 1 -16.64 25.17 -38.06
C ASP B 1 -16.67 23.63 -38.17
N LEU B 2 -17.32 23.15 -39.24
CA LEU B 2 -17.46 21.72 -39.54
C LEU B 2 -16.13 20.96 -39.50
N ILE B 3 -15.08 21.53 -40.10
CA ILE B 3 -13.79 20.87 -40.19
C ILE B 3 -13.17 20.70 -38.78
N ASP B 4 -13.40 21.66 -37.90
CA ASP B 4 -12.91 21.58 -36.51
C ASP B 4 -13.66 20.44 -35.77
N ARG B 5 -14.96 20.34 -36.00
CA ARG B 5 -15.76 19.26 -35.42
C ARG B 5 -15.31 17.87 -35.91
N LEU B 6 -15.02 17.74 -37.20
CA LEU B 6 -14.55 16.49 -37.76
C LEU B 6 -13.19 16.15 -37.22
N GLN B 7 -12.27 17.11 -37.20
CA GLN B 7 -10.94 16.90 -36.65
C GLN B 7 -11.01 16.48 -35.19
N ASN B 8 -11.98 17.03 -34.48
CA ASN B 8 -12.15 16.66 -33.09
C ASN B 8 -12.54 15.18 -32.90
N ASN B 9 -13.44 14.67 -33.73
CA ASN B 9 -13.81 13.24 -33.69
C ASN B 9 -12.64 12.34 -34.09
N GLN B 10 -11.81 12.79 -35.03
CA GLN B 10 -10.69 12.00 -35.48
C GLN B 10 -9.59 11.91 -34.42
N ARG B 11 -9.32 13.00 -33.71
CA ARG B 11 -8.41 12.92 -32.58
C ARG B 11 -8.84 11.84 -31.61
N LYS B 12 -10.13 11.84 -31.27
CA LYS B 12 -10.68 10.87 -30.33
C LYS B 12 -10.49 9.43 -30.82
N ASP B 13 -10.67 9.20 -32.11
CA ASP B 13 -10.41 7.89 -32.70
C ASP B 13 -8.93 7.51 -32.63
N ARG B 14 -8.04 8.45 -32.95
CA ARG B 14 -6.59 8.17 -32.86
C ARG B 14 -6.12 7.82 -31.44
N ARG B 15 -6.63 8.57 -30.47
CA ARG B 15 -6.38 8.35 -29.06
C ARG B 15 -6.62 6.90 -28.67
N LEU B 16 -7.81 6.44 -29.02
CA LEU B 16 -8.23 5.09 -28.74
C LEU B 16 -7.35 4.07 -29.47
N GLN B 17 -6.99 4.36 -30.70
CA GLN B 17 -6.16 3.45 -31.51
C GLN B 17 -4.78 3.31 -30.84
N PHE B 18 -4.19 4.42 -30.36
CA PHE B 18 -2.94 4.32 -29.59
C PHE B 18 -3.04 3.37 -28.43
N VAL B 19 -4.10 3.54 -27.64
CA VAL B 19 -4.32 2.70 -26.49
C VAL B 19 -4.53 1.23 -26.94
N ARG B 20 -5.34 1.00 -27.96
CA ARG B 20 -5.64 -0.37 -28.43
C ARG B 20 -4.40 -1.04 -29.04
N THR B 21 -3.69 -0.30 -29.88
CA THR B 21 -2.46 -0.83 -30.51
C THR B 21 -1.45 -1.28 -29.45
N HIS B 22 -1.36 -0.53 -28.36
CA HIS B 22 -0.45 -0.88 -27.26
C HIS B 22 -0.87 -2.19 -26.57
N GLN B 23 -2.16 -2.33 -26.29
CA GLN B 23 -2.72 -3.60 -25.75
C GLN B 23 -2.43 -4.78 -26.64
N GLU B 24 -2.64 -4.61 -27.94
CA GLU B 24 -2.38 -5.70 -28.90
C GLU B 24 -0.91 -6.08 -28.91
N ALA B 25 -0.05 -5.08 -29.04
CA ALA B 25 1.40 -5.29 -29.16
C ALA B 25 1.98 -6.00 -27.94
N PHE B 26 1.46 -5.71 -26.75
CA PHE B 26 2.08 -6.21 -25.54
C PHE B 26 1.19 -7.15 -24.73
N ASP B 27 0.22 -7.79 -25.41
CA ASP B 27 -0.63 -8.81 -24.82
C ASP B 27 -1.29 -8.37 -23.52
N VAL B 28 -1.85 -7.17 -23.50
CA VAL B 28 -2.51 -6.68 -22.30
C VAL B 28 -3.95 -7.20 -22.33
N LYS B 29 -4.39 -7.84 -21.25
CA LYS B 29 -5.79 -8.21 -21.11
C LYS B 29 -6.62 -6.97 -20.76
N PRO B 30 -7.84 -6.85 -21.34
CA PRO B 30 -8.70 -5.69 -21.05
C PRO B 30 -9.37 -5.80 -19.68
N THR B 31 -8.57 -5.99 -18.65
CA THR B 31 -9.03 -6.12 -17.29
C THR B 31 -9.43 -4.74 -16.75
N PHE B 32 -10.41 -4.73 -15.86
CA PHE B 32 -10.72 -3.55 -15.08
C PHE B 32 -9.40 -2.92 -14.62
N PRO B 33 -9.26 -1.60 -14.74
CA PRO B 33 -10.22 -0.55 -15.15
C PRO B 33 -10.05 -0.05 -16.59
N LEU B 34 -9.45 -0.86 -17.44
CA LEU B 34 -9.08 -0.43 -18.77
C LEU B 34 -10.27 -0.03 -19.64
N PRO B 35 -11.34 -0.87 -19.71
CA PRO B 35 -12.52 -0.38 -20.42
C PRO B 35 -13.04 0.99 -19.95
N LEU B 36 -13.16 1.17 -18.63
CA LEU B 36 -13.57 2.46 -18.05
C LEU B 36 -12.62 3.58 -18.46
N PHE B 37 -11.33 3.29 -18.46
CA PHE B 37 -10.34 4.31 -18.80
C PHE B 37 -10.52 4.78 -20.24
N GLU B 38 -10.79 3.83 -21.12
CA GLU B 38 -10.99 4.15 -22.53
C GLU B 38 -12.16 5.08 -22.68
N GLU B 39 -13.25 4.81 -21.96
CA GLU B 39 -14.41 5.72 -21.97
C GLU B 39 -14.02 7.09 -21.42
N ALA B 40 -13.22 7.12 -20.35
CA ALA B 40 -12.85 8.40 -19.74
C ALA B 40 -12.05 9.30 -20.68
N ILE B 41 -11.09 8.74 -21.39
CA ILE B 41 -10.22 9.60 -22.22
C ILE B 41 -10.92 10.12 -23.47
N LEU B 42 -11.98 9.45 -23.88
CA LEU B 42 -12.79 9.94 -24.99
C LEU B 42 -13.53 11.23 -24.64
N GLU B 43 -13.72 11.49 -23.35
CA GLU B 43 -14.41 12.71 -22.93
C GLU B 43 -13.50 13.92 -22.87
N ILE B 44 -12.20 13.75 -23.01
CA ILE B 44 -11.29 14.90 -22.93
C ILE B 44 -11.39 15.70 -24.22
N GLU B 45 -11.61 17.02 -24.08
CA GLU B 45 -11.73 17.92 -25.24
C GLU B 45 -10.37 18.45 -25.71
N GLY B 46 -10.29 18.75 -27.00
CA GLY B 46 -9.06 19.23 -27.60
C GLY B 46 -8.14 18.09 -27.98
N SER B 47 -6.85 18.40 -28.11
CA SER B 47 -5.86 17.44 -28.56
C SER B 47 -5.15 16.87 -27.35
N CYS B 48 -5.00 15.53 -27.31
CA CYS B 48 -4.38 14.83 -26.21
C CYS B 48 -3.11 14.14 -26.63
N SER B 49 -2.22 13.96 -25.66
CA SER B 49 -1.10 13.04 -25.80
C SER B 49 -1.39 11.80 -24.97
N VAL B 50 -1.05 10.65 -25.53
CA VAL B 50 -1.19 9.40 -24.81
C VAL B 50 0.21 8.89 -24.56
N GLU B 51 0.58 8.75 -23.30
CA GLU B 51 1.88 8.21 -22.94
C GLU B 51 1.66 6.81 -22.44
N SER B 52 1.99 5.83 -23.29
CA SER B 52 1.89 4.43 -22.93
C SER B 52 3.25 3.96 -22.41
N SER B 53 3.26 2.89 -21.63
CA SER B 53 4.49 2.37 -21.15
C SER B 53 4.41 0.88 -20.85
N CYS B 54 5.58 0.29 -20.75
CA CYS B 54 5.73 -1.09 -20.32
C CYS B 54 6.72 -1.12 -19.19
N GLN B 55 6.29 -1.68 -18.06
CA GLN B 55 7.20 -1.94 -16.97
C GLN B 55 7.79 -3.33 -17.19
N VAL B 56 9.11 -3.38 -17.33
CA VAL B 56 9.81 -4.62 -17.60
C VAL B 56 10.53 -5.11 -16.35
N GLU B 57 10.42 -6.41 -16.08
CA GLU B 57 11.03 -7.01 -14.92
C GLU B 57 11.60 -8.38 -15.34
N GLY B 58 12.86 -8.35 -15.77
CA GLY B 58 13.50 -9.53 -16.34
C GLY B 58 12.82 -9.93 -17.63
N ASP B 59 12.16 -11.08 -17.62
CA ASP B 59 11.42 -11.56 -18.78
C ASP B 59 9.92 -11.36 -18.64
N ARG B 60 9.50 -10.59 -17.64
CA ARG B 60 8.09 -10.20 -17.50
C ARG B 60 7.85 -8.74 -17.90
N LEU B 61 6.69 -8.51 -18.47
CA LEU B 61 6.32 -7.22 -19.03
C LEU B 61 4.90 -6.90 -18.58
N GLN B 62 4.70 -5.72 -18.01
CA GLN B 62 3.38 -5.21 -17.71
C GLN B 62 3.10 -4.00 -18.59
N GLY B 63 2.16 -4.16 -19.52
CA GLY B 63 1.92 -3.19 -20.57
C GLY B 63 0.67 -2.33 -20.47
N GLY B 64 -0.19 -2.56 -19.48
CA GLY B 64 -1.44 -1.79 -19.40
C GLY B 64 -1.30 -0.50 -18.61
N ARG B 65 -0.48 0.42 -19.14
CA ARG B 65 -0.07 1.65 -18.42
C ARG B 65 -0.15 2.82 -19.37
N TYR B 66 -1.02 3.78 -19.04
CA TYR B 66 -1.26 4.95 -19.85
C TYR B 66 -1.42 6.20 -19.01
N GLU B 67 -0.83 7.29 -19.50
N GLU B 67 -0.84 7.29 -19.51
CA GLU B 67 -1.12 8.61 -19.00
CA GLU B 67 -1.09 8.65 -19.00
C GLU B 67 -1.59 9.44 -20.17
C GLU B 67 -1.56 9.46 -20.16
N VAL B 68 -2.76 10.05 -20.02
CA VAL B 68 -3.33 10.89 -21.06
C VAL B 68 -3.59 12.31 -20.50
N CYS B 69 -3.29 13.29 -21.32
CA CYS B 69 -3.68 14.65 -21.00
C CYS B 69 -3.79 15.52 -22.23
N ASN B 70 -4.51 16.62 -22.06
CA ASN B 70 -4.58 17.63 -23.09
C ASN B 70 -3.19 18.25 -23.27
N ASN B 71 -2.78 18.44 -24.50
CA ASN B 71 -1.45 18.90 -24.82
C ASN B 71 -1.48 20.27 -25.48
N GLN B 72 -2.62 20.95 -25.40
CA GLN B 72 -2.77 22.31 -25.94
C GLN B 72 -2.92 23.33 -24.80
N GLY B 73 -1.82 23.79 -24.25
CA GLY B 73 -1.85 24.82 -23.23
C GLY B 73 -2.47 24.42 -21.90
N THR B 74 -3.12 25.36 -21.25
CA THR B 74 -3.50 25.18 -19.86
C THR B 74 -4.94 24.73 -19.74
N THR B 75 -5.17 23.57 -19.13
CA THR B 75 -6.55 23.14 -18.82
C THR B 75 -6.85 23.00 -17.33
N TRP B 76 -5.87 23.32 -16.48
CA TRP B 76 -6.12 23.39 -15.05
C TRP B 76 -6.96 24.61 -14.75
N PRO B 77 -7.97 24.48 -13.87
CA PRO B 77 -8.36 23.35 -13.05
C PRO B 77 -9.47 22.45 -13.62
N GLU B 78 -9.99 22.76 -14.80
CA GLU B 78 -11.07 21.91 -15.37
C GLU B 78 -10.56 20.48 -15.68
N SER B 79 -9.25 20.31 -15.86
CA SER B 79 -8.69 18.96 -16.02
C SER B 79 -9.01 18.06 -14.82
N LEU B 80 -9.24 18.66 -13.65
CA LEU B 80 -9.57 17.87 -12.47
C LEU B 80 -10.87 17.08 -12.62
N THR B 81 -11.82 17.60 -13.36
CA THR B 81 -13.12 16.91 -13.47
C THR B 81 -12.94 15.51 -14.02
N HIS B 82 -12.02 15.35 -14.96
CA HIS B 82 -11.72 14.03 -15.52
C HIS B 82 -11.17 13.06 -14.47
N ALA B 83 -10.30 13.58 -13.61
CA ALA B 83 -9.73 12.78 -12.55
C ALA B 83 -10.79 12.34 -11.58
N PHE B 84 -11.57 13.31 -11.08
CA PHE B 84 -12.62 13.01 -10.09
C PHE B 84 -13.66 12.04 -10.62
N LYS B 85 -14.12 12.23 -11.85
CA LYS B 85 -15.03 11.25 -12.48
C LYS B 85 -14.44 9.85 -12.49
N LEU B 86 -13.16 9.74 -12.87
CA LEU B 86 -12.50 8.45 -13.00
C LEU B 86 -12.42 7.76 -11.65
N LEU B 87 -11.98 8.51 -10.66
CA LEU B 87 -11.88 8.00 -9.28
C LEU B 87 -13.21 7.55 -8.74
N ASP B 88 -14.27 8.29 -9.03
CA ASP B 88 -15.61 7.90 -8.62
C ASP B 88 -16.01 6.57 -9.27
N LYS B 89 -15.78 6.43 -10.56
CA LYS B 89 -16.09 5.15 -11.24
C LYS B 89 -15.29 3.98 -10.66
N ILE B 90 -14.02 4.20 -10.35
CA ILE B 90 -13.16 3.11 -9.89
C ILE B 90 -13.46 2.69 -8.46
N ASP B 91 -13.73 3.67 -7.61
CA ASP B 91 -14.05 3.37 -6.21
C ASP B 91 -15.29 2.50 -6.08
N SER B 92 -16.32 2.79 -6.86
CA SER B 92 -17.57 2.04 -6.76
C SER B 92 -17.46 0.57 -7.21
N GLN B 93 -16.28 0.15 -7.69
CA GLN B 93 -16.04 -1.25 -8.04
C GLN B 93 -15.81 -2.06 -6.77
N LEU B 94 -16.54 -3.17 -6.66
CA LEU B 94 -16.38 -4.09 -5.55
C LEU B 94 -14.97 -4.66 -5.53
N GLY B 95 -14.39 -4.71 -4.34
CA GLY B 95 -13.04 -5.24 -4.15
C GLY B 95 -11.96 -4.22 -4.40
N VAL B 96 -12.34 -2.98 -4.68
CA VAL B 96 -11.40 -1.90 -4.94
C VAL B 96 -11.52 -0.88 -3.84
N ARG B 97 -10.39 -0.42 -3.34
CA ARG B 97 -10.36 0.57 -2.31
C ARG B 97 -9.34 1.62 -2.73
N ILE B 98 -9.72 2.88 -2.67
CA ILE B 98 -8.88 3.97 -3.11
C ILE B 98 -8.75 4.99 -1.98
N ASN B 99 -7.52 5.29 -1.58
CA ASN B 99 -7.27 6.40 -0.65
C ASN B 99 -6.91 7.64 -1.46
N ARG B 100 -7.89 8.52 -1.62
CA ARG B 100 -7.69 9.74 -2.41
C ARG B 100 -7.41 11.00 -1.58
N ASP B 101 -7.11 10.85 -0.31
CA ASP B 101 -6.89 12.00 0.60
C ASP B 101 -5.81 12.97 0.09
N SER B 102 -4.63 12.48 -0.29
CA SER B 102 -3.54 13.37 -0.73
C SER B 102 -3.90 14.15 -1.97
N PHE B 103 -4.46 13.47 -2.97
CA PHE B 103 -4.87 14.15 -4.19
C PHE B 103 -5.98 15.17 -3.96
N ASP B 104 -6.97 14.81 -3.15
CA ASP B 104 -8.05 15.75 -2.83
C ASP B 104 -7.49 16.99 -2.14
N ARG B 105 -6.57 16.80 -1.20
CA ARG B 105 -6.02 17.93 -0.46
C ARG B 105 -5.18 18.82 -1.37
N PHE B 106 -4.45 18.21 -2.31
CA PHE B 106 -3.63 19.00 -3.21
C PHE B 106 -4.56 19.79 -4.14
N ALA B 107 -5.58 19.12 -4.65
CA ALA B 107 -6.53 19.74 -5.60
C ALA B 107 -7.25 20.89 -4.93
N ALA B 108 -7.74 20.64 -3.72
CA ALA B 108 -8.41 21.66 -2.94
C ALA B 108 -7.45 22.83 -2.73
N ALA B 109 -6.24 22.54 -2.29
CA ALA B 109 -5.29 23.61 -1.98
C ALA B 109 -4.96 24.48 -3.19
N HIS B 110 -4.84 23.89 -4.37
CA HIS B 110 -4.24 24.63 -5.49
C HIS B 110 -5.15 24.79 -6.70
N VAL B 111 -6.45 24.62 -6.49
CA VAL B 111 -7.44 24.80 -7.54
C VAL B 111 -7.35 26.17 -8.21
N ASN B 112 -7.14 27.25 -7.44
CA ASN B 112 -7.04 28.58 -8.06
C ASN B 112 -5.60 28.96 -8.46
N SER B 113 -4.66 28.01 -8.41
CA SER B 113 -3.30 28.31 -8.83
C SER B 113 -3.26 28.59 -10.33
N ARG B 114 -2.46 29.58 -10.72
CA ARG B 114 -2.20 29.93 -12.12
C ARG B 114 -0.84 29.37 -12.56
N LYS B 115 -0.26 28.48 -11.76
CA LYS B 115 1.07 27.95 -12.05
C LYS B 115 1.06 26.48 -12.48
N ILE B 116 -0.14 25.96 -12.73
CA ILE B 116 -0.35 24.55 -13.09
C ILE B 116 -0.87 24.49 -14.53
N ILE B 117 -0.25 23.65 -15.36
CA ILE B 117 -0.68 23.48 -16.74
C ILE B 117 -1.93 22.60 -16.78
N ASN B 118 -1.84 21.43 -16.16
CA ASN B 118 -2.93 20.48 -16.17
C ASN B 118 -2.61 19.36 -15.21
N ASN B 119 -3.57 18.45 -15.09
CA ASN B 119 -3.31 17.15 -14.58
C ASN B 119 -3.60 16.12 -15.67
N THR B 120 -2.95 14.96 -15.58
CA THR B 120 -3.21 13.84 -16.47
C THR B 120 -4.28 12.95 -15.85
N ILE B 121 -4.74 11.95 -16.61
CA ILE B 121 -5.36 10.81 -15.98
C ILE B 121 -4.73 9.58 -16.53
N GLY B 122 -4.62 8.58 -15.67
CA GLY B 122 -3.91 7.40 -16.04
C GLY B 122 -4.29 6.24 -15.19
N VAL B 123 -4.00 5.05 -15.74
CA VAL B 123 -4.15 3.80 -15.05
C VAL B 123 -2.94 2.94 -15.30
N HIS B 124 -2.54 2.21 -14.29
CA HIS B 124 -1.50 1.20 -14.40
C HIS B 124 -2.07 -0.11 -13.93
N LEU B 125 -2.30 -1.02 -14.89
CA LEU B 125 -2.73 -2.36 -14.59
C LEU B 125 -1.60 -3.13 -13.96
N GLY B 126 -1.88 -3.84 -12.88
CA GLY B 126 -0.94 -4.79 -12.30
C GLY B 126 -1.34 -6.21 -12.66
N SER B 127 -0.64 -7.18 -12.10
CA SER B 127 -0.92 -8.60 -12.35
C SER B 127 -2.25 -9.04 -11.76
N LYS B 128 -2.70 -8.35 -10.73
CA LYS B 128 -4.00 -8.58 -10.13
C LYS B 128 -4.64 -7.26 -9.75
N LEU B 129 -5.94 -7.31 -9.51
CA LEU B 129 -6.73 -6.14 -9.20
C LEU B 129 -6.06 -5.22 -8.14
N GLU B 130 -5.63 -5.80 -7.02
CA GLU B 130 -5.11 -5.02 -5.89
C GLU B 130 -3.77 -4.33 -6.16
N ASP B 131 -3.07 -4.80 -7.20
CA ASP B 131 -1.82 -4.18 -7.63
C ASP B 131 -1.98 -3.14 -8.69
N SER B 132 -3.20 -2.94 -9.18
CA SER B 132 -3.43 -1.93 -10.22
C SER B 132 -3.61 -0.59 -9.54
N SER B 133 -3.48 0.48 -10.30
CA SER B 133 -3.57 1.80 -9.73
C SER B 133 -4.16 2.80 -10.69
N VAL B 134 -4.64 3.92 -10.14
CA VAL B 134 -4.87 5.15 -10.89
C VAL B 134 -3.64 6.02 -10.69
N MSE B 135 -3.19 6.64 -11.78
CA MSE B 135 -2.00 7.47 -11.75
C MSE B 135 -2.43 8.83 -12.20
O MSE B 135 -3.06 8.98 -13.25
CB MSE B 135 -0.94 6.86 -12.67
CG MSE B 135 0.36 7.64 -12.66
SE MSE B 135 1.44 7.19 -11.08
CE MSE B 135 1.55 8.98 -10.29
N LEU B 136 -2.10 9.85 -11.41
CA LEU B 136 -2.43 11.22 -11.74
C LEU B 136 -1.19 12.10 -11.59
N TYR B 137 -0.82 12.79 -12.66
CA TYR B 137 0.31 13.68 -12.60
C TYR B 137 -0.18 15.11 -12.72
N ILE B 138 0.42 15.99 -11.93
CA ILE B 138 0.21 17.41 -12.03
C ILE B 138 1.43 17.97 -12.75
N HIS B 139 1.20 18.64 -13.87
CA HIS B 139 2.27 19.30 -14.60
C HIS B 139 2.32 20.78 -14.30
N ILE B 140 3.45 21.23 -13.77
CA ILE B 140 3.63 22.59 -13.26
C ILE B 140 4.28 23.43 -14.35
N LYS B 141 3.93 24.72 -14.41
CA LYS B 141 4.54 25.64 -15.40
C LYS B 141 6.02 25.80 -15.07
N PRO B 142 6.91 25.56 -16.04
CA PRO B 142 8.36 25.61 -15.77
C PRO B 142 8.91 26.95 -15.33
N GLU B 143 8.32 28.05 -15.81
CA GLU B 143 8.89 29.39 -15.59
C GLU B 143 8.22 30.14 -14.44
N GLU B 144 7.48 29.43 -13.59
CA GLU B 144 6.91 30.06 -12.39
C GLU B 144 7.73 29.61 -11.18
N ASP B 145 7.76 30.45 -10.14
CA ASP B 145 8.28 30.05 -8.84
C ASP B 145 7.17 29.24 -8.19
N THR B 146 7.42 27.95 -8.00
CA THR B 146 6.37 27.00 -7.61
C THR B 146 6.67 26.30 -6.30
N GLU B 147 7.45 26.96 -5.45
CA GLU B 147 7.71 26.45 -4.09
C GLU B 147 6.46 26.07 -3.29
N GLU B 148 5.40 26.86 -3.37
CA GLU B 148 4.19 26.55 -2.59
C GLU B 148 3.51 25.22 -3.02
N LEU B 149 3.53 24.93 -4.31
CA LEU B 149 2.99 23.67 -4.80
C LEU B 149 3.85 22.52 -4.26
N ALA B 150 5.18 22.69 -4.36
CA ALA B 150 6.12 21.65 -3.96
C ALA B 150 6.08 21.41 -2.46
N ARG B 151 5.84 22.45 -1.68
CA ARG B 151 5.69 22.32 -0.22
C ARG B 151 4.49 21.46 0.14
N THR B 152 3.34 21.80 -0.44
CA THR B 152 2.13 21.01 -0.23
C THR B 152 2.37 19.53 -0.53
N ALA B 153 2.94 19.24 -1.69
CA ALA B 153 3.27 17.85 -2.08
C ALA B 153 4.23 17.17 -1.05
N LEU B 154 5.27 17.91 -0.64
CA LEU B 154 6.25 17.42 0.31
C LEU B 154 5.63 17.10 1.67
N VAL B 155 4.70 17.95 2.12
CA VAL B 155 3.95 17.67 3.32
C VAL B 155 3.09 16.41 3.18
N LEU B 156 2.36 16.29 2.07
CA LEU B 156 1.53 15.11 1.84
C LEU B 156 2.39 13.86 1.68
N ASP B 157 3.59 14.00 1.13
CA ASP B 157 4.51 12.87 1.05
C ASP B 157 5.04 12.51 2.43
N GLY B 158 5.41 13.55 3.20
CA GLY B 158 5.91 13.38 4.56
C GLY B 158 7.26 12.69 4.69
N GLY B 159 8.02 12.63 3.61
CA GLY B 159 9.36 12.08 3.66
C GLY B 159 10.28 13.04 4.38
N ARG B 160 11.44 12.55 4.80
CA ARG B 160 12.49 13.39 5.39
C ARG B 160 13.69 13.30 4.50
N TYR B 161 14.07 14.42 3.92
CA TYR B 161 15.20 14.48 2.99
C TYR B 161 16.27 15.38 3.56
N SER B 162 17.48 15.26 3.04
CA SER B 162 18.58 16.16 3.44
C SER B 162 18.27 17.61 3.03
N ASP B 163 19.01 18.54 3.63
CA ASP B 163 18.97 19.97 3.25
C ASP B 163 19.12 20.15 1.75
N GLU B 164 20.19 19.58 1.20
CA GLU B 164 20.47 19.62 -0.24
C GLU B 164 19.29 19.08 -1.11
N LEU B 165 18.79 17.90 -0.77
CA LEU B 165 17.69 17.30 -1.56
C LEU B 165 16.38 18.08 -1.36
N THR B 166 16.13 18.56 -0.14
CA THR B 166 14.92 19.36 0.11
C THR B 166 14.86 20.57 -0.82
N ARG B 167 15.98 21.25 -1.00
CA ARG B 167 16.05 22.41 -1.88
C ARG B 167 15.84 22.01 -3.33
N VAL B 168 16.43 20.91 -3.76
CA VAL B 168 16.16 20.39 -5.09
C VAL B 168 14.64 20.16 -5.28
N LEU B 169 13.99 19.52 -4.30
CA LEU B 169 12.55 19.26 -4.37
C LEU B 169 11.71 20.55 -4.29
N LEU B 170 12.10 21.48 -3.43
CA LEU B 170 11.32 22.70 -3.26
C LEU B 170 11.44 23.62 -4.49
N ARG B 171 12.60 23.60 -5.15
CA ARG B 171 12.88 24.55 -6.23
C ARG B 171 12.63 23.98 -7.64
N ASP B 172 12.97 22.71 -7.88
CA ASP B 172 12.99 22.20 -9.24
C ASP B 172 11.84 21.22 -9.57
N THR B 173 10.95 20.95 -8.62
CA THR B 173 9.81 20.04 -8.85
C THR B 173 8.95 20.60 -9.96
N MSE B 174 8.83 19.84 -11.04
CA MSE B 174 8.02 20.27 -12.20
C MSE B 174 6.83 19.35 -12.43
O MSE B 174 5.92 19.70 -13.15
CB MSE B 174 8.92 20.28 -13.42
CG MSE B 174 8.66 21.43 -14.36
SE MSE B 174 9.95 21.24 -15.85
CE MSE B 174 9.01 19.76 -16.76
N VAL B 175 6.86 18.17 -11.82
CA VAL B 175 5.77 17.23 -11.90
C VAL B 175 5.53 16.62 -10.50
N ILE B 176 4.26 16.47 -10.15
CA ILE B 176 3.86 15.78 -8.93
C ILE B 176 2.94 14.62 -9.28
N GLY B 177 3.32 13.42 -8.83
CA GLY B 177 2.58 12.21 -9.07
C GLY B 177 1.81 11.76 -7.86
N PHE B 178 0.59 11.28 -8.10
CA PHE B 178 -0.22 10.67 -7.09
C PHE B 178 -0.59 9.32 -7.64
N GLU B 179 -0.17 8.25 -6.96
CA GLU B 179 -0.53 6.91 -7.39
C GLU B 179 -1.45 6.30 -6.37
N LEU B 180 -2.59 5.85 -6.83
CA LEU B 180 -3.63 5.34 -5.95
C LEU B 180 -3.89 3.89 -6.28
N PHE B 181 -3.33 3.01 -5.47
CA PHE B 181 -3.48 1.60 -5.68
C PHE B 181 -4.85 1.10 -5.15
N PHE B 182 -5.32 0.01 -5.74
CA PHE B 182 -6.69 -0.47 -5.49
C PHE B 182 -6.80 -1.25 -4.19
N ASP B 183 -5.68 -1.49 -3.54
CA ASP B 183 -5.70 -2.04 -2.18
C ASP B 183 -5.70 -0.96 -1.08
N GLY B 184 -5.79 0.30 -1.47
CA GLY B 184 -5.83 1.40 -0.49
C GLY B 184 -4.50 2.13 -0.27
N ARG B 185 -3.40 1.62 -0.82
CA ARG B 185 -2.13 2.33 -0.73
C ARG B 185 -2.11 3.51 -1.67
N SER B 186 -1.53 4.61 -1.22
CA SER B 186 -1.35 5.76 -2.05
C SER B 186 0.04 6.33 -1.86
N ARG B 187 0.55 6.97 -2.92
CA ARG B 187 1.90 7.48 -2.92
C ARG B 187 1.90 8.83 -3.62
N VAL B 188 2.81 9.68 -3.15
CA VAL B 188 3.07 10.98 -3.72
C VAL B 188 4.52 11.00 -4.19
N ASP B 189 4.71 11.33 -5.46
CA ASP B 189 6.01 11.38 -6.09
C ASP B 189 6.35 12.83 -6.38
N LEU B 190 7.53 13.29 -5.92
CA LEU B 190 8.02 14.61 -6.24
C LEU B 190 9.04 14.51 -7.33
N GLY B 191 8.83 15.29 -8.37
CA GLY B 191 9.51 15.12 -9.63
C GLY B 191 10.25 16.35 -10.07
N PRO B 192 11.42 16.60 -9.46
CA PRO B 192 12.30 17.60 -10.00
C PRO B 192 12.81 17.21 -11.38
N CYS B 193 12.95 18.21 -12.25
CA CYS B 193 13.42 18.01 -13.62
C CYS B 193 14.50 19.03 -13.99
N ALA B 194 15.36 18.64 -14.93
CA ALA B 194 16.37 19.54 -15.51
C ALA B 194 16.41 19.41 -17.02
N PRO B 195 16.65 20.53 -17.75
CA PRO B 195 16.63 20.49 -19.21
C PRO B 195 17.78 19.67 -19.82
N LYS B 204 14.23 26.23 -13.80
CA LYS B 204 14.36 25.02 -13.00
C LYS B 204 15.40 24.11 -13.60
N GLY B 205 16.14 23.42 -12.74
CA GLY B 205 17.04 22.35 -13.17
C GLY B 205 18.43 22.39 -12.57
N LYS B 206 18.92 23.58 -12.26
CA LYS B 206 20.30 23.74 -11.81
C LYS B 206 20.58 23.11 -10.45
N HIS B 207 19.59 23.09 -9.55
CA HIS B 207 19.75 22.36 -8.29
C HIS B 207 19.82 20.84 -8.53
N LEU B 208 18.97 20.32 -9.43
CA LEU B 208 18.99 18.89 -9.76
C LEU B 208 20.26 18.50 -10.48
N GLU B 209 20.72 19.33 -11.40
CA GLU B 209 21.99 19.11 -12.09
C GLU B 209 23.12 18.97 -11.08
N GLN B 210 23.21 19.94 -10.17
CA GLN B 210 24.27 19.96 -9.17
C GLN B 210 24.20 18.75 -8.27
N TYR B 211 22.98 18.40 -7.83
CA TYR B 211 22.76 17.26 -6.95
C TYR B 211 23.21 16.00 -7.66
N THR B 212 22.84 15.88 -8.93
CA THR B 212 23.25 14.77 -9.78
C THR B 212 24.78 14.68 -9.89
N GLN B 213 25.42 15.80 -10.20
CA GLN B 213 26.87 15.80 -10.35
C GLN B 213 27.58 15.37 -9.07
N LYS B 214 27.13 15.88 -7.93
CA LYS B 214 27.74 15.55 -6.63
C LYS B 214 27.38 14.17 -6.08
N ASN B 215 26.17 13.69 -6.35
CA ASN B 215 25.64 12.53 -5.62
C ASN B 215 25.34 11.27 -6.44
N LEU B 216 25.14 11.40 -7.74
CA LEU B 216 24.75 10.23 -8.53
C LEU B 216 25.92 9.60 -9.29
N SER B 217 25.72 8.40 -9.80
CA SER B 217 26.81 7.64 -10.38
C SER B 217 27.36 8.28 -11.64
N ARG B 218 28.56 7.86 -12.02
CA ARG B 218 29.17 8.32 -13.25
C ARG B 218 28.32 7.94 -14.46
N LYS B 219 27.72 6.74 -14.40
CA LYS B 219 26.85 6.28 -15.49
C LYS B 219 25.64 7.23 -15.67
N VAL B 220 25.02 7.63 -14.56
CA VAL B 220 23.97 8.67 -14.61
C VAL B 220 24.50 9.98 -15.17
N ASN B 221 25.61 10.45 -14.61
CA ASN B 221 26.20 11.71 -15.08
C ASN B 221 26.60 11.71 -16.55
N SER B 222 26.95 10.55 -17.09
CA SER B 222 27.39 10.46 -18.48
C SER B 222 26.25 10.52 -19.49
N ILE B 223 25.03 10.28 -19.05
CA ILE B 223 23.89 10.19 -19.96
C ILE B 223 22.79 11.24 -19.70
N PHE B 224 22.73 11.82 -18.51
CA PHE B 224 21.53 12.57 -18.13
C PHE B 224 21.28 13.85 -18.93
N ARG B 225 22.32 14.41 -19.54
CA ARG B 225 22.19 15.64 -20.35
C ARG B 225 22.01 15.36 -21.84
N GLU B 226 22.04 14.09 -22.22
CA GLU B 226 21.93 13.69 -23.63
C GLU B 226 20.53 13.76 -24.23
N GLY B 227 19.50 13.67 -23.40
CA GLY B 227 18.13 13.86 -23.86
C GLY B 227 17.71 15.30 -23.64
N TYR B 228 16.46 15.62 -23.93
CA TYR B 228 15.99 16.98 -23.76
C TYR B 228 15.57 17.30 -22.33
N LEU B 229 15.31 16.26 -21.56
CA LEU B 229 14.87 16.45 -20.19
C LEU B 229 15.35 15.30 -19.32
N PHE B 230 15.66 15.61 -18.08
CA PHE B 230 16.07 14.61 -17.10
C PHE B 230 15.21 14.88 -15.88
N GLY B 231 14.70 13.82 -15.28
CA GLY B 231 13.86 13.94 -14.08
C GLY B 231 14.16 12.83 -13.12
N ALA B 232 13.82 13.06 -11.86
CA ALA B 232 13.95 12.04 -10.84
C ALA B 232 12.72 12.11 -9.96
N PHE B 233 12.12 10.96 -9.65
CA PHE B 233 11.00 10.95 -8.70
C PHE B 233 11.44 10.47 -7.34
N PHE B 234 11.24 11.31 -6.34
CA PHE B 234 11.44 10.98 -4.95
C PHE B 234 10.13 10.79 -4.20
N SER B 235 10.14 9.88 -3.22
CA SER B 235 8.98 9.64 -2.37
C SER B 235 9.44 9.03 -1.07
N LYS B 236 8.73 9.34 0.02
CA LYS B 236 8.97 8.71 1.32
C LYS B 236 9.37 7.24 1.26
N THR B 237 8.64 6.43 0.51
CA THR B 237 8.84 4.99 0.56
C THR B 237 9.81 4.49 -0.52
N ARG B 238 10.29 5.38 -1.39
CA ARG B 238 11.29 4.92 -2.34
C ARG B 238 12.67 4.87 -1.65
N VAL B 239 13.34 3.72 -1.77
CA VAL B 239 14.72 3.56 -1.27
C VAL B 239 15.65 4.49 -2.04
N GLU B 240 15.43 4.58 -3.35
CA GLU B 240 16.23 5.45 -4.21
C GLU B 240 15.29 6.02 -5.26
N PRO B 241 15.60 7.21 -5.78
CA PRO B 241 14.69 7.79 -6.77
C PRO B 241 14.64 6.96 -8.05
N ILE B 242 13.54 7.08 -8.77
CA ILE B 242 13.48 6.58 -10.12
C ILE B 242 13.85 7.73 -11.04
N LEU B 243 14.80 7.47 -11.93
CA LEU B 243 15.32 8.49 -12.84
C LEU B 243 14.62 8.35 -14.15
N PHE B 244 14.29 9.46 -14.78
CA PHE B 244 13.62 9.46 -16.07
C PHE B 244 14.55 10.19 -17.05
N PHE B 245 14.76 9.58 -18.21
CA PHE B 245 15.57 10.16 -19.28
C PHE B 245 14.68 10.33 -20.50
N TYR B 246 14.31 11.55 -20.82
CA TYR B 246 13.42 11.86 -21.94
CA TYR B 246 13.42 11.83 -21.95
C TYR B 246 14.20 12.17 -23.22
N HIS B 247 13.83 11.54 -24.33
CA HIS B 247 14.45 11.76 -25.63
C HIS B 247 13.40 12.00 -26.71
N SER B 248 13.68 12.94 -27.61
CA SER B 248 12.78 13.19 -28.72
C SER B 248 13.19 12.45 -29.99
N ILE B 249 14.39 11.87 -30.01
CA ILE B 249 14.85 11.07 -31.15
C ILE B 249 15.05 9.63 -30.69
N ILE B 250 14.13 8.76 -31.11
CA ILE B 250 14.09 7.37 -30.67
C ILE B 250 15.39 6.65 -30.95
N LYS B 251 16.00 6.93 -32.11
CA LYS B 251 17.21 6.21 -32.54
C LYS B 251 18.41 6.50 -31.67
N ASP B 252 18.34 7.54 -30.86
CA ASP B 252 19.41 7.85 -29.94
C ASP B 252 19.43 6.92 -28.71
N LEU B 253 18.36 6.18 -28.43
CA LEU B 253 18.33 5.34 -27.23
C LEU B 253 19.48 4.30 -27.16
N PRO B 254 19.72 3.55 -28.25
CA PRO B 254 20.81 2.54 -28.23
C PRO B 254 22.21 3.12 -28.00
N LYS B 255 22.37 4.43 -28.20
CA LYS B 255 23.61 5.09 -27.85
C LYS B 255 23.85 5.13 -26.36
N TYR B 256 22.79 5.13 -25.56
CA TYR B 256 22.92 5.33 -24.12
C TYR B 256 22.47 4.19 -23.25
N PHE B 257 21.63 3.31 -23.79
CA PHE B 257 21.06 2.22 -23.02
C PHE B 257 21.22 0.92 -23.78
N THR B 258 21.45 -0.15 -23.05
CA THR B 258 21.41 -1.51 -23.59
C THR B 258 20.29 -2.25 -22.87
N PHE B 259 19.41 -2.88 -23.63
CA PHE B 259 18.21 -3.51 -23.07
C PHE B 259 18.34 -5.01 -23.07
N ASN B 260 17.61 -5.65 -22.15
CA ASN B 260 17.34 -7.07 -22.28
C ASN B 260 16.45 -7.29 -23.51
N SER B 261 16.07 -8.52 -23.79
CA SER B 261 15.33 -8.83 -25.04
C SER B 261 13.97 -8.10 -25.11
N LEU B 262 13.24 -8.05 -24.00
CA LEU B 262 11.97 -7.33 -23.94
C LEU B 262 12.10 -5.83 -24.24
N GLY B 263 13.18 -5.20 -23.79
CA GLY B 263 13.42 -3.80 -24.09
C GLY B 263 13.68 -3.57 -25.57
N ASP B 264 14.37 -4.52 -26.20
CA ASP B 264 14.60 -4.47 -27.64
C ASP B 264 13.28 -4.60 -28.40
N LYS B 265 12.40 -5.46 -27.92
CA LYS B 265 11.06 -5.58 -28.51
C LYS B 265 10.29 -4.25 -28.40
N ILE B 266 10.32 -3.64 -27.22
CA ILE B 266 9.63 -2.35 -27.05
C ILE B 266 10.27 -1.31 -27.96
N TYR B 267 11.60 -1.31 -28.02
CA TYR B 267 12.32 -0.34 -28.83
C TYR B 267 11.96 -0.45 -30.30
N ASN B 268 11.97 -1.66 -30.82
CA ASN B 268 11.67 -1.81 -32.23
C ASN B 268 10.20 -1.59 -32.54
N PHE B 269 9.32 -1.94 -31.60
CA PHE B 269 7.92 -1.59 -31.76
C PHE B 269 7.79 -0.07 -31.92
N CYS B 270 8.50 0.68 -31.08
CA CYS B 270 8.46 2.15 -31.13
C CYS B 270 8.88 2.74 -32.47
N GLN B 271 9.94 2.21 -33.07
CA GLN B 271 10.42 2.73 -34.36
C GLN B 271 9.52 2.44 -35.54
N SER B 272 8.67 1.42 -35.42
CA SER B 272 7.71 1.12 -36.47
C SER B 272 6.40 1.86 -36.29
N GLN B 273 6.20 2.50 -35.13
CA GLN B 273 4.98 3.24 -34.88
C GLN B 273 5.11 4.71 -35.27
N GLY B 274 4.07 5.25 -35.89
CA GLY B 274 4.04 6.66 -36.20
C GLY B 274 3.59 7.43 -34.98
N CYS B 275 3.65 8.75 -35.09
CA CYS B 275 2.99 9.63 -34.13
C CYS B 275 3.71 9.81 -32.80
N ILE B 276 4.89 9.21 -32.66
CA ILE B 276 5.68 9.30 -31.44
C ILE B 276 6.49 10.58 -31.38
N THR B 277 6.26 11.38 -30.35
CA THR B 277 6.98 12.66 -30.19
C THR B 277 8.17 12.54 -29.26
N ASP B 278 8.12 11.62 -28.31
CA ASP B 278 9.19 11.43 -27.36
C ASP B 278 9.07 10.09 -26.66
N VAL B 279 10.20 9.65 -26.11
CA VAL B 279 10.29 8.42 -25.34
C VAL B 279 10.99 8.73 -24.05
N ALA B 280 10.85 7.86 -23.07
CA ALA B 280 11.59 8.02 -21.84
C ALA B 280 11.88 6.67 -21.27
N ILE B 281 13.07 6.54 -20.69
CA ILE B 281 13.41 5.38 -19.92
C ILE B 281 13.41 5.79 -18.45
N ALA B 282 12.72 5.01 -17.62
CA ALA B 282 12.69 5.23 -16.18
C ALA B 282 13.38 4.05 -15.55
N VAL B 283 14.38 4.36 -14.75
CA VAL B 283 15.28 3.35 -14.23
C VAL B 283 15.95 3.89 -12.96
N THR B 284 16.28 3.02 -12.02
CA THR B 284 17.05 3.47 -10.84
C THR B 284 18.54 3.53 -11.19
N GLU B 285 19.26 4.33 -10.41
CA GLU B 285 20.72 4.38 -10.46
C GLU B 285 21.31 2.97 -10.44
N THR B 286 20.86 2.16 -9.48
CA THR B 286 21.31 0.79 -9.28
C THR B 286 21.16 -0.06 -10.54
N GLU B 287 20.00 0.03 -11.17
CA GLU B 287 19.73 -0.80 -12.35
C GLU B 287 20.52 -0.31 -13.58
N LEU B 288 20.85 0.97 -13.62
CA LEU B 288 21.72 1.51 -14.66
C LEU B 288 23.14 0.99 -14.65
N GLU B 289 23.61 0.51 -13.49
CA GLU B 289 24.98 0.04 -13.38
C GLU B 289 25.19 -1.31 -14.06
N LYS B 290 24.09 -2.01 -14.38
CA LYS B 290 24.18 -3.34 -14.99
C LYS B 290 24.52 -3.29 -16.47
N SER B 291 25.06 -4.39 -17.01
CA SER B 291 25.46 -4.43 -18.42
C SER B 291 24.24 -4.32 -19.34
N ARG B 292 23.11 -4.81 -18.87
CA ARG B 292 21.85 -4.75 -19.62
C ARG B 292 20.74 -4.32 -18.67
N LEU B 293 19.82 -3.50 -19.16
CA LEU B 293 18.65 -3.12 -18.38
C LEU B 293 17.67 -4.28 -18.36
N GLU B 294 17.39 -4.74 -17.14
CA GLU B 294 16.46 -5.84 -16.89
C GLU B 294 15.20 -5.34 -16.18
N ASN B 295 15.35 -4.29 -15.37
CA ASN B 295 14.26 -3.72 -14.59
C ASN B 295 14.13 -2.24 -14.86
N PHE B 296 13.09 -1.86 -15.58
CA PHE B 296 12.94 -0.49 -16.04
C PHE B 296 11.55 -0.28 -16.59
N CYS B 297 11.20 0.97 -16.82
CA CYS B 297 9.98 1.32 -17.50
C CYS B 297 10.32 2.08 -18.76
N PHE B 298 9.62 1.75 -19.84
CA PHE B 298 9.83 2.35 -21.13
C PHE B 298 8.54 3.08 -21.54
N TYR B 299 8.63 4.39 -21.71
CA TYR B 299 7.49 5.25 -21.99
C TYR B 299 7.63 5.75 -23.42
N TYR B 300 6.52 5.87 -24.13
CA TYR B 300 6.51 6.55 -25.41
C TYR B 300 5.23 7.35 -25.48
N ASP B 301 5.31 8.50 -26.14
CA ASP B 301 4.27 9.51 -26.13
C ASP B 301 3.78 9.70 -27.56
N GLN B 302 2.47 9.62 -27.74
CA GLN B 302 1.85 9.79 -29.04
C GLN B 302 0.83 10.90 -28.97
N TRP B 303 0.83 11.76 -30.00
CA TRP B 303 -0.08 12.88 -30.10
C TRP B 303 -1.23 12.60 -31.09
N ASP B 304 -2.47 12.81 -30.63
CA ASP B 304 -3.64 12.37 -31.37
C ASP B 304 -3.97 13.19 -32.62
N GLU B 305 -3.20 14.23 -32.91
CA GLU B 305 -3.29 14.92 -34.19
C GLU B 305 -2.32 14.34 -35.23
N CYS B 306 -1.45 13.45 -34.77
CA CYS B 306 -0.27 13.01 -35.48
C CYS B 306 0.31 14.03 -36.47
#